data_3O47
#
_entry.id   3O47
#
_cell.length_a   79.298
_cell.length_b   129.161
_cell.length_c   157.685
_cell.angle_alpha   90.000
_cell.angle_beta   90.000
_cell.angle_gamma   90.000
#
_symmetry.space_group_name_H-M   'I 21 21 21'
#
loop_
_entity.id
_entity.type
_entity.pdbx_description
1 polymer 'ADP-ribosylation factor GTPase-activating protein 1, ADP-ribosylation factor 1'
2 non-polymer 'ZINC ION'
3 non-polymer "GUANOSINE-5'-DIPHOSPHATE"
#
_entity_poly.entity_id   1
_entity_poly.type   'polypeptide(L)'
_entity_poly.pdbx_seq_one_letter_code
;MHHHHHHSSGRENLYFQGMASPRTRKVLKEVRVQDENNVCFECGAFNPQWVSVTYGIWICLECSGRHRGLGVHLSFVRSV
TMDKWKDIELEKMKAGGNAKFREFLESQEDYDPCWSLQEKYNSRAAALFRDKVVALAEGREWSLESSPAQNWTPPQPRGL
FGKKEMRILMVGLDAAGKTTILYKLKLGEIVTTIPTIGFNVETVEYKNISFTVWDVGGQDKIRPLWRHYFQNTQGLIFVV
DSNDRERVNEAREELMRMLAEDELRDAVLLVFANKQDLPNAMNAAEITDKLGLHSLRHRNWYIQATCATSGDGLYEGLDW
LSNQLRNQK
;
_entity_poly.pdbx_strand_id   A,B
#
# COMPACT_ATOMS: atom_id res chain seq x y z
N ARG A 23 -23.69 33.74 -29.85
CA ARG A 23 -22.44 34.10 -30.52
C ARG A 23 -21.26 33.27 -29.95
N THR A 24 -20.99 33.38 -28.62
CA THR A 24 -19.92 32.68 -27.90
C THR A 24 -19.78 31.20 -28.26
N ARG A 25 -20.86 30.43 -28.02
CA ARG A 25 -20.86 29.00 -28.24
C ARG A 25 -20.46 28.62 -29.66
N LYS A 26 -21.17 29.16 -30.66
CA LYS A 26 -20.92 28.88 -32.10
C LYS A 26 -19.45 29.07 -32.40
N VAL A 27 -18.90 30.21 -31.93
CA VAL A 27 -17.52 30.63 -32.14
C VAL A 27 -16.58 29.66 -31.47
N LEU A 28 -16.79 29.34 -30.17
CA LEU A 28 -15.88 28.43 -29.47
C LEU A 28 -15.85 27.04 -30.07
N LYS A 29 -17.04 26.51 -30.43
CA LYS A 29 -17.19 25.19 -31.08
C LYS A 29 -16.36 25.14 -32.36
N GLU A 30 -16.39 26.25 -33.14
CA GLU A 30 -15.67 26.40 -34.41
C GLU A 30 -14.16 26.42 -34.19
N VAL A 31 -13.70 27.17 -33.15
CA VAL A 31 -12.29 27.35 -32.79
C VAL A 31 -11.65 26.04 -32.29
N ARG A 32 -12.33 25.22 -31.47
CA ARG A 32 -11.68 24.01 -30.93
C ARG A 32 -11.39 22.94 -31.98
N VAL A 33 -12.10 22.98 -33.10
CA VAL A 33 -11.93 22.08 -34.25
C VAL A 33 -10.59 22.41 -34.94
N GLN A 34 -10.13 23.70 -34.88
CA GLN A 34 -8.84 24.18 -35.41
C GLN A 34 -7.67 23.68 -34.52
N ASP A 35 -6.41 23.87 -35.00
CA ASP A 35 -5.12 23.54 -34.35
C ASP A 35 -5.14 22.18 -33.58
N GLU A 36 -4.48 22.15 -32.42
CA GLU A 36 -4.44 20.98 -31.53
C GLU A 36 -5.21 21.39 -30.26
N ASN A 37 -6.37 22.07 -30.45
CA ASN A 37 -7.23 22.63 -29.41
C ASN A 37 -8.13 21.62 -28.70
N ASN A 38 -8.18 20.37 -29.20
CA ASN A 38 -8.97 19.26 -28.66
C ASN A 38 -8.25 18.57 -27.47
N VAL A 39 -7.00 19.01 -27.18
CA VAL A 39 -6.13 18.49 -26.11
C VAL A 39 -5.58 19.65 -25.29
N CYS A 40 -5.33 19.42 -23.98
CA CYS A 40 -4.79 20.45 -23.10
C CYS A 40 -3.42 20.88 -23.56
N PHE A 41 -3.22 22.20 -23.64
CA PHE A 41 -1.96 22.79 -24.08
C PHE A 41 -0.77 22.32 -23.23
N GLU A 42 -1.00 22.15 -21.91
CA GLU A 42 0.08 21.77 -20.99
C GLU A 42 0.26 20.28 -20.84
N CYS A 43 -0.82 19.56 -20.46
CA CYS A 43 -0.77 18.15 -20.12
C CYS A 43 -1.23 17.16 -21.18
N GLY A 44 -1.81 17.64 -22.29
CA GLY A 44 -2.30 16.74 -23.35
C GLY A 44 -3.63 16.05 -23.07
N ALA A 45 -4.27 16.34 -21.89
CA ALA A 45 -5.57 15.78 -21.53
C ALA A 45 -6.59 16.14 -22.57
N PHE A 46 -7.36 15.14 -23.00
CA PHE A 46 -8.36 15.24 -24.05
C PHE A 46 -9.56 16.09 -23.62
N ASN A 47 -10.11 16.82 -24.61
CA ASN A 47 -11.28 17.69 -24.54
C ASN A 47 -11.23 18.72 -23.39
N PRO A 48 -10.30 19.72 -23.46
CA PRO A 48 -10.27 20.76 -22.42
C PRO A 48 -11.49 21.70 -22.48
N GLN A 49 -12.13 21.92 -21.32
CA GLN A 49 -13.32 22.78 -21.23
C GLN A 49 -13.00 24.14 -20.57
N TRP A 50 -11.70 24.52 -20.59
CA TRP A 50 -11.18 25.79 -20.07
C TRP A 50 -10.19 26.39 -21.05
N VAL A 51 -10.00 27.71 -20.98
CA VAL A 51 -9.07 28.40 -21.88
C VAL A 51 -8.25 29.49 -21.18
N SER A 52 -7.13 29.90 -21.80
CA SER A 52 -6.37 31.09 -21.42
C SER A 52 -6.55 31.99 -22.64
N VAL A 53 -7.52 32.92 -22.53
CA VAL A 53 -7.86 33.90 -23.56
C VAL A 53 -6.57 34.58 -24.07
N THR A 54 -5.71 35.00 -23.13
CA THR A 54 -4.40 35.65 -23.28
C THR A 54 -3.55 35.09 -24.44
N TYR A 55 -3.63 33.77 -24.71
CA TYR A 55 -2.86 33.10 -25.77
C TYR A 55 -3.77 32.31 -26.73
N GLY A 56 -5.09 32.32 -26.47
CA GLY A 56 -6.09 31.57 -27.23
C GLY A 56 -5.93 30.07 -27.12
N ILE A 57 -5.36 29.62 -25.99
CA ILE A 57 -5.02 28.22 -25.72
C ILE A 57 -6.09 27.52 -24.90
N TRP A 58 -6.19 26.20 -25.07
CA TRP A 58 -7.19 25.33 -24.45
C TRP A 58 -6.56 24.43 -23.42
N ILE A 59 -7.03 24.53 -22.17
CA ILE A 59 -6.46 23.80 -21.02
C ILE A 59 -7.53 23.04 -20.20
N CYS A 60 -7.11 21.96 -19.58
CA CYS A 60 -7.98 21.12 -18.75
C CYS A 60 -8.27 21.88 -17.47
N LEU A 61 -9.22 21.40 -16.69
CA LEU A 61 -9.62 21.99 -15.40
C LEU A 61 -8.44 22.05 -14.40
N GLU A 62 -7.60 20.97 -14.32
CA GLU A 62 -6.46 20.94 -13.41
C GLU A 62 -5.44 22.01 -13.77
N CYS A 63 -5.11 22.11 -15.07
CA CYS A 63 -4.16 23.07 -15.59
C CYS A 63 -4.69 24.49 -15.49
N SER A 64 -6.03 24.63 -15.59
CA SER A 64 -6.68 25.94 -15.45
C SER A 64 -6.45 26.53 -14.06
N GLY A 65 -6.34 25.65 -13.06
CA GLY A 65 -6.07 26.03 -11.67
C GLY A 65 -4.67 26.57 -11.52
N ARG A 66 -3.69 25.85 -12.11
CA ARG A 66 -2.29 26.23 -12.12
C ARG A 66 -2.16 27.58 -12.82
N HIS A 67 -2.89 27.74 -13.95
CA HIS A 67 -2.93 28.93 -14.79
C HIS A 67 -3.50 30.15 -14.07
N ARG A 68 -4.57 29.97 -13.27
CA ARG A 68 -5.19 31.07 -12.50
C ARG A 68 -4.14 31.68 -11.54
N GLY A 69 -3.32 30.81 -10.97
CA GLY A 69 -2.24 31.18 -10.06
C GLY A 69 -1.18 32.08 -10.65
N LEU A 70 -0.98 32.01 -11.99
CA LEU A 70 0.02 32.81 -12.72
C LEU A 70 -0.25 34.31 -12.63
N GLY A 71 -1.52 34.70 -12.57
CA GLY A 71 -1.92 36.10 -12.49
C GLY A 71 -2.70 36.52 -13.71
N VAL A 72 -3.79 37.28 -13.51
CA VAL A 72 -4.68 37.78 -14.57
C VAL A 72 -3.92 38.50 -15.71
N HIS A 73 -2.83 39.21 -15.39
CA HIS A 73 -2.00 39.90 -16.40
C HIS A 73 -1.25 38.89 -17.28
N LEU A 74 -0.80 37.77 -16.68
CA LEU A 74 -0.05 36.72 -17.37
C LEU A 74 -0.96 35.67 -18.02
N SER A 75 -2.14 35.41 -17.44
CA SER A 75 -3.10 34.43 -17.96
C SER A 75 -4.51 34.72 -17.48
N PHE A 76 -5.42 34.99 -18.43
CA PHE A 76 -6.82 35.26 -18.18
C PHE A 76 -7.60 34.00 -18.52
N VAL A 77 -7.93 33.25 -17.45
CA VAL A 77 -8.59 31.93 -17.51
C VAL A 77 -10.11 32.06 -17.51
N ARG A 78 -10.75 31.41 -18.48
CA ARG A 78 -12.21 31.37 -18.63
C ARG A 78 -12.71 29.91 -18.89
N SER A 79 -13.99 29.67 -18.57
CA SER A 79 -14.67 28.40 -18.75
C SER A 79 -15.43 28.34 -20.09
N VAL A 80 -15.18 27.28 -20.88
CA VAL A 80 -15.90 27.03 -22.13
C VAL A 80 -17.39 26.64 -21.78
N THR A 81 -17.62 25.91 -20.63
CA THR A 81 -18.95 25.46 -20.17
C THR A 81 -19.88 26.65 -19.83
N MET A 82 -19.45 27.59 -18.98
CA MET A 82 -20.25 28.75 -18.56
C MET A 82 -19.34 29.82 -17.94
N ASP A 83 -19.36 31.07 -18.49
CA ASP A 83 -18.58 32.26 -18.08
C ASP A 83 -19.06 33.54 -18.84
N LYS A 84 -18.63 34.74 -18.42
CA LYS A 84 -19.03 36.00 -19.10
C LYS A 84 -18.10 36.27 -20.32
N TRP A 85 -18.60 36.18 -21.59
CA TRP A 85 -17.72 36.42 -22.74
C TRP A 85 -17.93 37.76 -23.45
N LYS A 86 -16.81 38.35 -23.91
CA LYS A 86 -16.76 39.59 -24.66
C LYS A 86 -16.32 39.26 -26.09
N ASP A 87 -16.71 40.08 -27.09
CA ASP A 87 -16.34 39.84 -28.49
C ASP A 87 -14.84 39.85 -28.68
N ILE A 88 -14.13 40.73 -27.96
CA ILE A 88 -12.67 40.84 -28.01
C ILE A 88 -12.00 39.54 -27.51
N GLU A 89 -12.57 38.93 -26.44
CA GLU A 89 -12.13 37.68 -25.83
C GLU A 89 -12.26 36.53 -26.83
N LEU A 90 -13.34 36.53 -27.63
CA LEU A 90 -13.55 35.53 -28.68
C LEU A 90 -12.63 35.80 -29.86
N GLU A 91 -12.35 37.08 -30.12
CA GLU A 91 -11.43 37.50 -31.18
C GLU A 91 -10.00 37.07 -30.84
N LYS A 92 -9.68 37.07 -29.52
CA LYS A 92 -8.38 36.65 -28.97
C LYS A 92 -8.22 35.13 -29.16
N MET A 93 -9.31 34.37 -28.97
CA MET A 93 -9.36 32.92 -29.14
C MET A 93 -9.09 32.52 -30.57
N LYS A 94 -9.65 33.32 -31.52
CA LYS A 94 -9.49 33.18 -32.96
C LYS A 94 -8.04 33.45 -33.35
N ALA A 95 -7.45 34.55 -32.81
CA ALA A 95 -6.07 34.97 -33.09
C ALA A 95 -5.01 34.04 -32.50
N GLY A 96 -5.33 33.45 -31.35
CA GLY A 96 -4.45 32.52 -30.65
C GLY A 96 -4.62 31.12 -31.18
N GLY A 97 -4.23 30.12 -30.38
CA GLY A 97 -4.31 28.71 -30.74
C GLY A 97 -3.22 27.87 -30.08
N ASN A 98 -3.53 26.58 -29.86
CA ASN A 98 -2.61 25.64 -29.23
C ASN A 98 -1.36 25.41 -30.09
N ALA A 99 -1.55 25.01 -31.38
CA ALA A 99 -0.43 24.81 -32.30
C ALA A 99 0.29 26.13 -32.61
N LYS A 100 -0.45 27.25 -32.71
CA LYS A 100 0.09 28.59 -32.99
C LYS A 100 1.08 29.00 -31.90
N PHE A 101 0.64 28.95 -30.61
CA PHE A 101 1.48 29.29 -29.46
C PHE A 101 2.67 28.32 -29.35
N ARG A 102 2.45 27.01 -29.59
CA ARG A 102 3.51 26.00 -29.55
C ARG A 102 4.58 26.30 -30.62
N GLU A 103 4.14 26.46 -31.90
CA GLU A 103 5.00 26.78 -33.05
C GLU A 103 5.71 28.12 -32.90
N PHE A 104 5.06 29.13 -32.26
CA PHE A 104 5.68 30.43 -32.04
C PHE A 104 6.81 30.31 -31.03
N LEU A 105 6.51 29.70 -29.85
CA LEU A 105 7.48 29.50 -28.78
C LEU A 105 8.71 28.76 -29.31
N GLU A 106 8.50 27.71 -30.13
CA GLU A 106 9.55 26.87 -30.72
C GLU A 106 10.45 27.65 -31.68
N SER A 107 9.96 28.77 -32.23
CA SER A 107 10.70 29.65 -33.12
C SER A 107 11.16 30.89 -32.34
N GLN A 108 11.74 30.70 -31.15
CA GLN A 108 12.25 31.80 -30.31
C GLN A 108 13.61 31.45 -29.71
N GLU A 109 14.46 32.48 -29.55
CA GLU A 109 15.82 32.36 -29.01
C GLU A 109 15.78 31.95 -27.53
N ASP A 110 14.93 32.63 -26.72
CA ASP A 110 14.76 32.41 -25.28
C ASP A 110 14.04 31.09 -24.92
N TYR A 111 13.53 30.34 -25.92
CA TYR A 111 12.79 29.10 -25.72
C TYR A 111 13.58 28.02 -24.99
N ASP A 112 12.92 27.42 -23.99
CA ASP A 112 13.43 26.31 -23.20
C ASP A 112 12.32 25.23 -23.10
N PRO A 113 12.51 24.03 -23.69
CA PRO A 113 11.46 22.99 -23.57
C PRO A 113 11.30 22.42 -22.16
N CYS A 114 12.28 22.71 -21.28
CA CYS A 114 12.36 22.28 -19.89
C CYS A 114 11.78 23.32 -18.92
N TRP A 115 11.16 24.37 -19.47
CA TRP A 115 10.56 25.45 -18.70
C TRP A 115 9.49 24.92 -17.79
N SER A 116 9.43 25.47 -16.59
CA SER A 116 8.36 25.21 -15.64
C SER A 116 7.24 26.17 -16.10
N LEU A 117 5.99 25.87 -15.76
CA LEU A 117 4.85 26.73 -16.13
C LEU A 117 5.16 28.22 -15.79
N GLN A 118 5.67 28.49 -14.57
CA GLN A 118 6.03 29.82 -14.04
C GLN A 118 7.00 30.59 -14.94
N GLU A 119 8.07 29.94 -15.42
CA GLU A 119 9.06 30.60 -16.25
C GLU A 119 8.68 30.58 -17.72
N LYS A 120 7.79 29.65 -18.13
CA LYS A 120 7.29 29.59 -19.52
C LYS A 120 6.46 30.84 -19.76
N TYR A 121 5.68 31.24 -18.74
CA TYR A 121 4.79 32.39 -18.83
C TYR A 121 5.48 33.70 -18.42
N ASN A 122 6.62 33.62 -17.71
CA ASN A 122 7.36 34.84 -17.38
C ASN A 122 8.28 35.25 -18.54
N SER A 123 8.52 34.31 -19.48
CA SER A 123 9.38 34.48 -20.64
C SER A 123 8.99 35.64 -21.58
N ARG A 124 9.96 36.08 -22.41
CA ARG A 124 9.82 37.15 -23.41
C ARG A 124 9.00 36.59 -24.59
N ALA A 125 9.23 35.31 -24.97
CA ALA A 125 8.51 34.60 -26.02
C ALA A 125 7.00 34.53 -25.71
N ALA A 126 6.61 34.53 -24.42
CA ALA A 126 5.22 34.54 -23.95
C ALA A 126 4.68 35.96 -24.09
N ALA A 127 5.47 36.97 -23.65
CA ALA A 127 5.14 38.41 -23.73
C ALA A 127 4.85 38.85 -25.16
N LEU A 128 5.61 38.30 -26.12
CA LEU A 128 5.47 38.59 -27.54
C LEU A 128 4.18 38.04 -28.09
N PHE A 129 3.88 36.75 -27.81
CA PHE A 129 2.65 36.13 -28.30
C PHE A 129 1.41 36.76 -27.67
N ARG A 130 1.49 37.21 -26.39
CA ARG A 130 0.42 37.93 -25.68
C ARG A 130 0.02 39.14 -26.54
N ASP A 131 1.04 39.92 -26.98
CA ASP A 131 0.97 41.14 -27.78
C ASP A 131 0.48 40.85 -29.20
N LYS A 132 0.93 39.74 -29.82
CA LYS A 132 0.49 39.34 -31.16
C LYS A 132 -1.01 39.02 -31.14
N VAL A 133 -1.46 38.31 -30.07
CA VAL A 133 -2.84 37.90 -29.83
C VAL A 133 -3.69 39.16 -29.66
N VAL A 134 -3.21 40.13 -28.84
CA VAL A 134 -3.88 41.41 -28.61
C VAL A 134 -4.01 42.19 -29.94
N ALA A 135 -2.92 42.26 -30.72
CA ALA A 135 -2.89 42.98 -31.99
C ALA A 135 -3.82 42.39 -33.02
N LEU A 136 -3.71 41.08 -33.33
CA LEU A 136 -4.54 40.42 -34.34
C LEU A 136 -6.04 40.39 -33.99
N ALA A 137 -6.39 40.35 -32.68
CA ALA A 137 -7.79 40.38 -32.22
C ALA A 137 -8.42 41.76 -32.46
N GLU A 138 -7.57 42.81 -32.46
CA GLU A 138 -7.93 44.20 -32.71
C GLU A 138 -7.92 44.51 -34.22
N GLY A 139 -7.61 43.49 -35.03
CA GLY A 139 -7.54 43.61 -36.47
C GLY A 139 -6.32 44.36 -36.96
N ARG A 140 -5.32 44.53 -36.09
CA ARG A 140 -4.07 45.23 -36.39
C ARG A 140 -3.05 44.29 -37.00
N GLU A 141 -2.12 44.83 -37.81
CA GLU A 141 -1.03 44.06 -38.42
C GLU A 141 0.08 44.01 -37.35
N TRP A 142 0.73 42.84 -37.14
CA TRP A 142 1.73 42.75 -36.07
C TRP A 142 3.14 42.57 -36.58
N SER A 143 4.07 43.30 -35.94
CA SER A 143 5.50 43.28 -36.24
C SER A 143 6.26 42.55 -35.14
N LEU A 144 6.96 41.47 -35.52
CA LEU A 144 7.83 40.67 -34.64
C LEU A 144 9.01 41.53 -34.14
N GLU A 145 9.40 42.54 -34.96
CA GLU A 145 10.46 43.51 -34.72
C GLU A 145 10.05 44.55 -33.64
N SER A 146 8.75 44.91 -33.54
CA SER A 146 8.21 45.85 -32.55
C SER A 146 7.10 45.22 -31.69
N TRP A 152 11.15 43.54 -22.93
CA TRP A 152 10.47 42.87 -21.82
C TRP A 152 11.48 42.21 -20.85
N THR A 153 11.44 42.61 -19.56
CA THR A 153 12.34 42.07 -18.53
C THR A 153 11.61 40.97 -17.72
N PRO A 154 11.98 39.68 -17.92
CA PRO A 154 11.33 38.59 -17.17
C PRO A 154 11.66 38.60 -15.66
N PRO A 155 10.66 38.36 -14.78
CA PRO A 155 10.95 38.35 -13.33
C PRO A 155 11.75 37.11 -12.88
N GLN A 156 12.06 36.99 -11.56
CA GLN A 156 12.84 35.90 -10.99
C GLN A 156 12.13 35.26 -9.80
N LYS A 163 15.55 30.53 -2.71
CA LYS A 163 16.33 30.54 -3.96
C LYS A 163 15.47 30.94 -5.20
N LYS A 164 16.04 30.76 -6.44
CA LYS A 164 15.45 31.03 -7.76
C LYS A 164 14.73 29.77 -8.30
N GLU A 165 14.40 29.72 -9.61
CA GLU A 165 13.72 28.58 -10.22
C GLU A 165 14.67 27.39 -10.21
N MET A 166 14.23 26.26 -9.70
CA MET A 166 15.10 25.09 -9.56
C MET A 166 14.41 23.75 -9.69
N ARG A 167 15.17 22.71 -10.09
CA ARG A 167 14.70 21.35 -10.31
C ARG A 167 15.25 20.34 -9.32
N ILE A 168 14.43 19.34 -8.99
CA ILE A 168 14.78 18.20 -8.14
C ILE A 168 14.64 16.98 -9.04
N LEU A 169 15.76 16.40 -9.47
CA LEU A 169 15.75 15.28 -10.40
C LEU A 169 15.54 13.92 -9.73
N MET A 170 14.44 13.25 -10.05
CA MET A 170 14.15 11.94 -9.47
C MET A 170 14.21 10.90 -10.56
N VAL A 171 15.35 10.18 -10.57
CA VAL A 171 15.71 9.13 -11.53
C VAL A 171 16.09 7.82 -10.80
N GLY A 172 16.18 6.77 -11.59
CA GLY A 172 16.50 5.42 -11.19
C GLY A 172 16.07 4.47 -12.30
N LEU A 173 16.23 3.16 -12.10
CA LEU A 173 15.82 2.19 -13.11
C LEU A 173 14.29 2.14 -13.18
N ASP A 174 13.72 1.50 -14.23
CA ASP A 174 12.26 1.34 -14.32
C ASP A 174 11.84 0.46 -13.14
N ALA A 175 10.59 0.63 -12.65
CA ALA A 175 10.02 -0.17 -11.56
C ALA A 175 10.62 0.12 -10.17
N ALA A 176 11.47 1.14 -10.04
CA ALA A 176 12.04 1.49 -8.72
C ALA A 176 10.95 2.00 -7.69
N GLY A 177 9.89 2.66 -8.18
CA GLY A 177 8.81 3.24 -7.38
C GLY A 177 8.85 4.76 -7.39
N LYS A 178 9.27 5.36 -8.51
CA LYS A 178 9.38 6.81 -8.67
C LYS A 178 8.01 7.46 -8.88
N THR A 179 7.17 6.87 -9.74
CA THR A 179 5.82 7.38 -9.97
C THR A 179 5.02 7.35 -8.65
N THR A 180 5.24 6.27 -7.86
CA THR A 180 4.64 6.05 -6.55
C THR A 180 5.06 7.19 -5.62
N ILE A 181 6.38 7.48 -5.55
CA ILE A 181 6.95 8.58 -4.74
C ILE A 181 6.35 9.94 -5.22
N LEU A 182 6.45 10.24 -6.51
CA LEU A 182 5.91 11.46 -7.12
C LEU A 182 4.44 11.71 -6.69
N TYR A 183 3.56 10.69 -6.84
CA TYR A 183 2.17 10.74 -6.46
C TYR A 183 1.98 10.99 -4.95
N LYS A 184 2.74 10.27 -4.10
CA LYS A 184 2.67 10.34 -2.64
C LYS A 184 3.00 11.71 -2.08
N LEU A 185 3.84 12.49 -2.78
CA LEU A 185 4.24 13.86 -2.42
C LEU A 185 3.03 14.78 -2.28
N LYS A 186 2.00 14.54 -3.10
CA LYS A 186 0.74 15.29 -3.15
C LYS A 186 1.01 16.81 -3.29
N LEU A 187 2.06 17.16 -4.08
CA LEU A 187 2.49 18.54 -4.32
C LEU A 187 1.86 19.15 -5.57
N GLY A 188 1.18 18.35 -6.37
CA GLY A 188 0.49 18.83 -7.54
C GLY A 188 0.14 17.78 -8.57
N GLU A 189 -0.24 18.26 -9.75
CA GLU A 189 -0.65 17.48 -10.91
C GLU A 189 0.56 16.84 -11.55
N ILE A 190 0.51 15.55 -11.85
CA ILE A 190 1.62 14.88 -12.52
C ILE A 190 1.44 15.07 -14.03
N VAL A 191 2.41 15.74 -14.66
CA VAL A 191 2.37 16.04 -16.08
C VAL A 191 3.37 15.19 -16.88
N THR A 192 2.84 14.31 -17.70
CA THR A 192 3.64 13.45 -18.58
C THR A 192 3.96 14.20 -19.90
N THR A 193 5.23 14.15 -20.32
CA THR A 193 5.74 14.79 -21.51
C THR A 193 6.69 13.84 -22.20
N ILE A 194 6.74 13.87 -23.54
CA ILE A 194 7.67 13.09 -24.35
C ILE A 194 8.42 14.13 -25.21
N PRO A 195 9.52 14.68 -24.68
CA PRO A 195 10.25 15.72 -25.44
C PRO A 195 10.96 15.15 -26.66
N THR A 196 11.23 13.83 -26.63
CA THR A 196 11.83 13.01 -27.69
C THR A 196 11.46 11.54 -27.50
N ILE A 197 11.47 10.82 -28.64
CA ILE A 197 11.20 9.39 -28.78
C ILE A 197 11.96 8.60 -27.71
N GLY A 198 11.25 7.74 -27.00
CA GLY A 198 11.81 6.89 -25.94
C GLY A 198 11.82 7.53 -24.57
N PHE A 199 12.03 8.88 -24.54
CA PHE A 199 12.15 9.71 -23.35
C PHE A 199 10.80 10.16 -22.76
N ASN A 200 10.36 9.47 -21.69
CA ASN A 200 9.10 9.74 -20.99
C ASN A 200 9.37 10.53 -19.69
N VAL A 201 8.89 11.77 -19.60
CA VAL A 201 9.13 12.65 -18.44
C VAL A 201 7.84 12.92 -17.67
N GLU A 202 7.86 12.66 -16.35
CA GLU A 202 6.76 12.93 -15.43
C GLU A 202 7.24 14.07 -14.55
N THR A 203 6.45 15.16 -14.43
CA THR A 203 6.88 16.36 -13.73
C THR A 203 5.76 16.98 -12.86
N VAL A 204 6.17 17.48 -11.67
CA VAL A 204 5.29 18.14 -10.67
C VAL A 204 5.89 19.48 -10.30
N GLU A 205 5.05 20.48 -10.14
CA GLU A 205 5.52 21.84 -9.85
C GLU A 205 4.73 22.49 -8.72
N TYR A 206 5.45 23.18 -7.86
CA TYR A 206 4.91 23.97 -6.76
C TYR A 206 5.86 25.15 -6.56
N LYS A 207 5.33 26.36 -6.78
CA LYS A 207 6.07 27.62 -6.73
C LYS A 207 7.28 27.48 -7.67
N ASN A 208 8.51 27.58 -7.13
CA ASN A 208 9.77 27.47 -7.89
C ASN A 208 10.32 26.04 -7.94
N ILE A 209 9.89 25.15 -7.01
CA ILE A 209 10.38 23.76 -6.94
C ILE A 209 9.72 22.95 -8.05
N SER A 210 10.50 22.15 -8.71
CA SER A 210 10.08 21.32 -9.83
C SER A 210 10.66 19.91 -9.67
N PHE A 211 9.80 18.90 -9.61
CA PHE A 211 10.23 17.52 -9.50
C PHE A 211 10.11 16.87 -10.85
N THR A 212 11.24 16.45 -11.42
CA THR A 212 11.29 15.83 -12.74
C THR A 212 11.71 14.38 -12.53
N VAL A 213 10.97 13.46 -13.17
CA VAL A 213 11.13 12.02 -13.11
C VAL A 213 11.28 11.38 -14.50
N TRP A 214 12.23 10.45 -14.64
CA TRP A 214 12.40 9.63 -15.83
C TRP A 214 13.21 8.39 -15.48
N ASP A 215 13.05 7.34 -16.28
CA ASP A 215 13.78 6.08 -16.10
C ASP A 215 15.18 6.18 -16.72
N VAL A 216 16.14 5.45 -16.13
CA VAL A 216 17.53 5.36 -16.62
C VAL A 216 17.85 3.85 -16.76
N GLY A 217 18.93 3.54 -17.47
CA GLY A 217 19.38 2.17 -17.71
C GLY A 217 19.66 1.88 -19.17
N ARG A 223 19.51 10.49 -24.18
CA ARG A 223 20.64 10.88 -23.33
C ARG A 223 21.08 12.37 -23.48
N PRO A 224 21.11 13.01 -24.70
CA PRO A 224 21.55 14.42 -24.76
C PRO A 224 20.49 15.46 -24.35
N LEU A 225 19.18 15.09 -24.31
CA LEU A 225 18.14 16.05 -23.90
C LEU A 225 18.11 16.16 -22.38
N TRP A 226 18.67 15.15 -21.67
CA TRP A 226 18.78 15.09 -20.21
C TRP A 226 19.53 16.31 -19.66
N ARG A 227 20.56 16.76 -20.39
CA ARG A 227 21.44 17.88 -20.02
C ARG A 227 20.69 19.14 -19.79
N HIS A 228 19.61 19.37 -20.59
CA HIS A 228 18.77 20.57 -20.48
C HIS A 228 18.13 20.68 -19.09
N TYR A 229 17.68 19.52 -18.56
CA TYR A 229 17.09 19.40 -17.23
C TYR A 229 18.13 19.60 -16.13
N PHE A 230 19.41 19.24 -16.38
CA PHE A 230 20.50 19.34 -15.40
C PHE A 230 20.83 20.77 -14.99
N GLN A 231 20.64 21.75 -15.90
CA GLN A 231 20.93 23.18 -15.72
C GLN A 231 20.41 23.76 -14.40
N ASN A 232 19.15 23.50 -14.05
CA ASN A 232 18.55 24.02 -12.82
C ASN A 232 18.60 23.04 -11.63
N THR A 233 19.06 21.77 -11.85
CA THR A 233 19.08 20.71 -10.84
C THR A 233 19.96 21.01 -9.62
N GLN A 234 19.30 21.15 -8.46
CA GLN A 234 19.91 21.46 -7.17
C GLN A 234 20.00 20.17 -6.35
N GLY A 235 19.08 19.24 -6.63
CA GLY A 235 18.99 17.97 -5.95
C GLY A 235 18.71 16.85 -6.91
N LEU A 236 19.38 15.71 -6.66
CA LEU A 236 19.25 14.46 -7.39
C LEU A 236 18.80 13.34 -6.45
N ILE A 237 17.62 12.78 -6.72
CA ILE A 237 17.05 11.69 -5.96
C ILE A 237 17.20 10.46 -6.80
N PHE A 238 17.97 9.50 -6.29
CA PHE A 238 18.18 8.23 -6.95
C PHE A 238 17.35 7.17 -6.23
N VAL A 239 16.38 6.62 -6.94
CA VAL A 239 15.50 5.61 -6.37
C VAL A 239 16.01 4.23 -6.82
N VAL A 240 16.26 3.36 -5.83
CA VAL A 240 16.74 1.99 -6.01
C VAL A 240 15.71 1.04 -5.43
N ASP A 241 15.39 -0.04 -6.17
CA ASP A 241 14.53 -1.14 -5.69
C ASP A 241 15.48 -2.00 -4.82
N SER A 242 15.35 -1.89 -3.49
CA SER A 242 16.17 -2.62 -2.51
C SER A 242 16.06 -4.17 -2.64
N ASN A 243 14.97 -4.65 -3.26
CA ASN A 243 14.72 -6.07 -3.42
C ASN A 243 15.25 -6.63 -4.76
N ASP A 244 15.53 -5.76 -5.75
CA ASP A 244 16.07 -6.18 -7.03
C ASP A 244 17.61 -6.32 -6.91
N ARG A 245 18.03 -7.52 -6.45
CA ARG A 245 19.43 -7.90 -6.25
C ARG A 245 20.16 -8.07 -7.57
N GLU A 246 19.44 -8.48 -8.63
CA GLU A 246 19.96 -8.69 -9.98
C GLU A 246 20.45 -7.37 -10.61
N ARG A 247 19.60 -6.33 -10.58
CA ARG A 247 19.90 -5.05 -11.22
C ARG A 247 20.56 -4.00 -10.32
N VAL A 248 21.00 -4.36 -9.09
CA VAL A 248 21.64 -3.39 -8.18
C VAL A 248 22.93 -2.77 -8.80
N ASN A 249 23.77 -3.59 -9.51
CA ASN A 249 24.99 -3.11 -10.16
C ASN A 249 24.67 -2.21 -11.36
N GLU A 250 23.56 -2.47 -12.09
CA GLU A 250 23.09 -1.62 -13.18
C GLU A 250 22.76 -0.22 -12.64
N ALA A 251 22.02 -0.16 -11.49
CA ALA A 251 21.65 1.06 -10.78
C ALA A 251 22.89 1.85 -10.36
N ARG A 252 23.93 1.15 -9.86
CA ARG A 252 25.20 1.75 -9.44
C ARG A 252 25.92 2.37 -10.62
N GLU A 253 25.90 1.68 -11.76
CA GLU A 253 26.52 2.17 -12.98
C GLU A 253 25.84 3.47 -13.44
N GLU A 254 24.50 3.50 -13.36
CA GLU A 254 23.67 4.64 -13.75
C GLU A 254 23.85 5.83 -12.83
N LEU A 255 23.94 5.60 -11.50
CA LEU A 255 24.16 6.64 -10.51
C LEU A 255 25.56 7.29 -10.73
N MET A 256 26.59 6.46 -10.95
CA MET A 256 27.95 6.93 -11.23
C MET A 256 28.01 7.71 -12.55
N ARG A 257 27.27 7.22 -13.58
CA ARG A 257 27.14 7.89 -14.89
C ARG A 257 26.58 9.30 -14.67
N MET A 258 25.55 9.43 -13.79
CA MET A 258 24.90 10.68 -13.40
C MET A 258 25.89 11.57 -12.66
N LEU A 259 26.55 11.07 -11.59
CA LEU A 259 27.46 11.84 -10.74
C LEU A 259 28.68 12.36 -11.52
N ALA A 260 29.02 11.68 -12.65
CA ALA A 260 30.08 12.07 -13.58
C ALA A 260 29.69 13.30 -14.43
N GLU A 261 28.39 13.69 -14.44
CA GLU A 261 27.88 14.85 -15.17
C GLU A 261 28.36 16.15 -14.56
N ASP A 262 28.90 17.01 -15.43
CA ASP A 262 29.46 18.32 -15.05
C ASP A 262 28.41 19.28 -14.45
N GLU A 263 27.17 19.31 -15.02
CA GLU A 263 26.12 20.20 -14.53
C GLU A 263 25.47 19.70 -13.21
N LEU A 264 25.76 18.44 -12.82
CA LEU A 264 25.24 17.84 -11.60
C LEU A 264 26.23 17.90 -10.43
N ARG A 265 27.47 18.35 -10.68
CA ARG A 265 28.56 18.44 -9.69
C ARG A 265 28.10 18.92 -8.31
N ASP A 266 27.41 20.07 -8.26
CA ASP A 266 27.02 20.69 -7.00
C ASP A 266 25.66 20.23 -6.47
N ALA A 267 25.03 19.25 -7.15
CA ALA A 267 23.73 18.74 -6.73
C ALA A 267 23.86 17.86 -5.55
N VAL A 268 22.95 18.03 -4.60
CA VAL A 268 22.84 17.26 -3.38
C VAL A 268 22.19 15.94 -3.83
N LEU A 269 22.70 14.79 -3.33
CA LEU A 269 22.15 13.49 -3.67
C LEU A 269 21.38 12.85 -2.51
N LEU A 270 20.13 12.43 -2.77
CA LEU A 270 19.30 11.68 -1.84
C LEU A 270 19.02 10.37 -2.51
N VAL A 271 19.39 9.27 -1.83
CA VAL A 271 19.13 7.95 -2.34
C VAL A 271 17.95 7.42 -1.55
N PHE A 272 16.93 6.96 -2.26
CA PHE A 272 15.79 6.32 -1.63
C PHE A 272 15.97 4.82 -1.83
N ALA A 273 16.36 4.09 -0.77
CA ALA A 273 16.48 2.63 -0.80
C ALA A 273 15.05 2.17 -0.51
N ASN A 274 14.25 2.11 -1.59
CA ASN A 274 12.81 1.86 -1.56
C ASN A 274 12.46 0.39 -1.64
N LYS A 275 11.23 0.03 -1.18
CA LYS A 275 10.65 -1.31 -1.16
C LYS A 275 11.23 -2.13 0.01
N GLN A 276 11.59 -1.43 1.10
CA GLN A 276 12.11 -2.00 2.33
C GLN A 276 11.10 -2.91 3.02
N ASP A 277 9.80 -2.74 2.66
CA ASP A 277 8.66 -3.50 3.17
C ASP A 277 8.72 -4.98 2.76
N LEU A 278 9.33 -5.24 1.59
CA LEU A 278 9.50 -6.59 1.03
C LEU A 278 10.37 -7.48 1.94
N PRO A 279 10.08 -8.79 2.02
CA PRO A 279 10.80 -9.65 2.97
C PRO A 279 12.30 -9.83 2.68
N ASN A 280 12.64 -10.18 1.44
CA ASN A 280 14.03 -10.46 1.06
C ASN A 280 14.79 -9.21 0.54
N ALA A 281 14.29 -8.01 0.89
CA ALA A 281 14.90 -6.73 0.50
C ALA A 281 16.25 -6.53 1.18
N MET A 282 17.19 -5.85 0.51
CA MET A 282 18.50 -5.54 1.09
C MET A 282 18.29 -4.37 2.03
N ASN A 283 19.02 -4.33 3.14
CA ASN A 283 18.95 -3.22 4.10
C ASN A 283 19.73 -2.01 3.56
N ALA A 284 19.49 -0.82 4.12
CA ALA A 284 20.14 0.44 3.70
C ALA A 284 21.67 0.36 3.76
N ALA A 285 22.21 -0.35 4.77
CA ALA A 285 23.67 -0.54 4.94
C ALA A 285 24.26 -1.37 3.81
N GLU A 286 23.47 -2.35 3.30
CA GLU A 286 23.86 -3.23 2.19
C GLU A 286 23.88 -2.43 0.86
N ILE A 287 22.83 -1.62 0.63
CA ILE A 287 22.68 -0.79 -0.58
C ILE A 287 23.75 0.31 -0.60
N THR A 288 24.06 0.91 0.56
CA THR A 288 25.10 1.96 0.65
C THR A 288 26.42 1.40 0.14
N ASP A 289 26.69 0.13 0.45
CA ASP A 289 27.91 -0.55 0.02
C ASP A 289 27.85 -0.84 -1.49
N LYS A 290 26.80 -1.58 -1.94
CA LYS A 290 26.60 -1.98 -3.34
C LYS A 290 26.55 -0.79 -4.31
N LEU A 291 26.22 0.43 -3.82
CA LEU A 291 26.20 1.64 -4.64
C LEU A 291 27.53 2.39 -4.57
N GLY A 292 28.33 2.07 -3.55
CA GLY A 292 29.63 2.70 -3.28
C GLY A 292 29.49 4.16 -2.87
N LEU A 293 28.56 4.44 -1.95
CA LEU A 293 28.29 5.81 -1.51
C LEU A 293 29.36 6.37 -0.57
N HIS A 294 30.09 5.50 0.15
CA HIS A 294 31.13 5.96 1.09
C HIS A 294 32.41 6.36 0.35
N SER A 295 32.55 5.96 -0.91
CA SER A 295 33.69 6.32 -1.75
C SER A 295 33.51 7.75 -2.31
N LEU A 296 32.31 8.34 -2.16
CA LEU A 296 32.04 9.67 -2.69
C LEU A 296 32.56 10.77 -1.79
N ARG A 297 33.29 11.72 -2.38
CA ARG A 297 33.75 12.91 -1.67
C ARG A 297 33.17 14.10 -2.39
N HIS A 298 33.28 15.29 -1.74
CA HIS A 298 32.79 16.57 -2.27
C HIS A 298 31.34 16.45 -2.80
N ARG A 299 30.43 15.88 -1.95
CA ARG A 299 29.02 15.69 -2.27
C ARG A 299 28.24 15.28 -1.04
N ASN A 300 27.22 16.11 -0.69
CA ASN A 300 26.29 15.84 0.40
C ASN A 300 25.38 14.73 -0.09
N TRP A 301 25.44 13.58 0.56
CA TRP A 301 24.59 12.48 0.19
C TRP A 301 23.93 11.90 1.43
N TYR A 302 22.79 11.25 1.24
CA TYR A 302 22.05 10.63 2.32
C TYR A 302 21.26 9.49 1.76
N ILE A 303 21.29 8.35 2.46
CA ILE A 303 20.51 7.20 2.06
C ILE A 303 19.33 7.14 3.00
N GLN A 304 18.12 6.90 2.41
CA GLN A 304 16.90 6.79 3.17
C GLN A 304 16.15 5.55 2.80
N ALA A 305 15.95 4.69 3.79
CA ALA A 305 15.19 3.45 3.67
C ALA A 305 13.73 3.88 3.65
N THR A 306 13.02 3.48 2.60
CA THR A 306 11.62 3.85 2.44
C THR A 306 10.77 2.71 1.96
N CYS A 307 9.46 2.96 2.03
CA CYS A 307 8.40 2.18 1.45
C CYS A 307 7.51 3.25 0.85
N ALA A 308 7.56 3.36 -0.48
CA ALA A 308 6.79 4.34 -1.22
C ALA A 308 5.29 4.06 -1.19
N THR A 309 4.88 2.79 -1.17
CA THR A 309 3.45 2.46 -1.17
C THR A 309 2.78 2.89 0.14
N SER A 310 3.52 2.87 1.27
CA SER A 310 2.98 3.33 2.55
C SER A 310 3.34 4.77 2.83
N GLY A 311 4.42 5.24 2.21
CA GLY A 311 4.94 6.58 2.40
C GLY A 311 5.95 6.66 3.52
N ASP A 312 6.23 5.53 4.21
CA ASP A 312 7.20 5.47 5.31
C ASP A 312 8.58 5.87 4.82
N GLY A 313 9.16 6.87 5.46
CA GLY A 313 10.49 7.35 5.13
C GLY A 313 10.55 8.39 4.02
N LEU A 314 9.47 8.55 3.21
CA LEU A 314 9.46 9.55 2.13
C LEU A 314 9.61 10.98 2.62
N TYR A 315 8.89 11.36 3.67
CA TYR A 315 8.94 12.74 4.18
C TYR A 315 10.26 13.02 4.94
N GLU A 316 10.77 12.01 5.68
CA GLU A 316 12.02 12.09 6.44
C GLU A 316 13.20 12.31 5.48
N GLY A 317 13.23 11.56 4.36
CA GLY A 317 14.24 11.68 3.32
C GLY A 317 14.17 13.03 2.62
N LEU A 318 12.95 13.51 2.39
CA LEU A 318 12.69 14.80 1.74
C LEU A 318 13.05 15.99 2.60
N ASP A 319 12.80 15.89 3.91
CA ASP A 319 13.11 16.95 4.88
C ASP A 319 14.61 17.21 4.88
N TRP A 320 15.40 16.11 4.80
CA TRP A 320 16.84 16.20 4.74
C TRP A 320 17.27 17.01 3.52
N LEU A 321 16.72 16.67 2.33
CA LEU A 321 17.00 17.35 1.06
C LEU A 321 16.60 18.83 1.13
N SER A 322 15.35 19.10 1.54
CA SER A 322 14.77 20.43 1.70
C SER A 322 15.66 21.29 2.61
N ASN A 323 16.18 20.69 3.70
CA ASN A 323 17.07 21.40 4.62
C ASN A 323 18.46 21.66 3.98
N GLN A 324 19.00 20.69 3.23
CA GLN A 324 20.27 20.85 2.54
C GLN A 324 20.15 21.92 1.48
N LEU A 325 19.02 21.94 0.76
CA LEU A 325 18.73 22.93 -0.29
C LEU A 325 18.56 24.34 0.29
N ARG A 326 18.13 24.46 1.58
CA ARG A 326 18.00 25.74 2.28
C ARG A 326 19.40 26.38 2.44
N ASN A 327 20.48 25.57 2.32
CA ASN A 327 21.89 25.99 2.39
C ASN A 327 22.48 26.05 1.00
N MET B 19 20.21 -36.22 19.15
CA MET B 19 20.09 -36.83 17.82
C MET B 19 19.66 -38.29 17.83
N ALA B 20 18.64 -38.61 17.00
CA ALA B 20 18.01 -39.93 16.89
C ALA B 20 18.87 -40.95 16.11
N SER B 21 18.90 -42.21 16.62
CA SER B 21 19.63 -43.34 16.04
C SER B 21 19.02 -43.74 14.71
N PRO B 22 19.80 -44.33 13.77
CA PRO B 22 19.16 -44.83 12.52
C PRO B 22 17.95 -45.74 12.77
N ARG B 23 17.92 -46.48 13.91
CA ARG B 23 16.80 -47.38 14.24
C ARG B 23 15.55 -46.61 14.67
N THR B 24 15.72 -45.51 15.43
CA THR B 24 14.62 -44.65 15.86
C THR B 24 13.98 -44.11 14.57
N ARG B 25 14.83 -43.73 13.62
CA ARG B 25 14.40 -43.28 12.31
C ARG B 25 13.73 -44.40 11.53
N LYS B 26 14.17 -45.69 11.68
CA LYS B 26 13.49 -46.80 10.98
C LYS B 26 12.03 -46.87 11.45
N VAL B 27 11.79 -46.81 12.80
CA VAL B 27 10.47 -46.87 13.41
C VAL B 27 9.65 -45.67 13.01
N LEU B 28 10.21 -44.45 13.15
CA LEU B 28 9.49 -43.23 12.79
C LEU B 28 9.13 -43.18 11.30
N LYS B 29 10.06 -43.61 10.42
CA LYS B 29 9.81 -43.67 8.96
C LYS B 29 8.63 -44.58 8.68
N GLU B 30 8.52 -45.72 9.42
CA GLU B 30 7.43 -46.70 9.31
C GLU B 30 6.09 -46.10 9.76
N VAL B 31 6.10 -45.35 10.88
CA VAL B 31 4.92 -44.69 11.48
C VAL B 31 4.36 -43.55 10.60
N ARG B 32 5.21 -42.71 9.95
CA ARG B 32 4.68 -41.59 9.16
C ARG B 32 3.93 -42.03 7.89
N VAL B 33 4.21 -43.25 7.42
CA VAL B 33 3.57 -43.88 6.27
C VAL B 33 2.10 -44.21 6.64
N GLN B 34 1.82 -44.48 7.94
CA GLN B 34 0.47 -44.74 8.48
C GLN B 34 -0.35 -43.43 8.55
N ASP B 35 -1.67 -43.53 8.81
CA ASP B 35 -2.66 -42.44 8.96
C ASP B 35 -2.46 -41.26 7.95
N GLU B 36 -2.66 -40.01 8.42
CA GLU B 36 -2.46 -38.79 7.64
C GLU B 36 -1.27 -38.07 8.29
N ASN B 37 -0.20 -38.85 8.61
CA ASN B 37 1.00 -38.41 9.31
C ASN B 37 2.01 -37.66 8.46
N ASN B 38 1.80 -37.63 7.13
CA ASN B 38 2.65 -36.94 6.14
C ASN B 38 2.36 -35.42 6.06
N VAL B 39 1.32 -34.98 6.80
CA VAL B 39 0.85 -33.59 6.87
C VAL B 39 0.73 -33.17 8.33
N CYS B 40 0.97 -31.87 8.60
CA CYS B 40 0.87 -31.32 9.93
C CYS B 40 -0.54 -31.53 10.45
N PHE B 41 -0.65 -31.97 11.71
CA PHE B 41 -1.94 -32.21 12.35
C PHE B 41 -2.78 -30.94 12.44
N GLU B 42 -2.14 -29.78 12.69
CA GLU B 42 -2.84 -28.50 12.89
C GLU B 42 -3.11 -27.75 11.61
N CYS B 43 -2.07 -27.43 10.84
CA CYS B 43 -2.15 -26.57 9.66
C CYS B 43 -2.17 -27.30 8.30
N GLY B 44 -1.93 -28.61 8.27
CA GLY B 44 -1.89 -29.35 7.01
C GLY B 44 -0.59 -29.23 6.22
N ALA B 45 0.42 -28.52 6.79
CA ALA B 45 1.76 -28.34 6.20
C ALA B 45 2.36 -29.71 5.90
N PHE B 46 2.85 -29.88 4.68
CA PHE B 46 3.42 -31.15 4.20
C PHE B 46 4.75 -31.48 4.88
N ASN B 47 4.96 -32.80 5.08
CA ASN B 47 6.14 -33.43 5.65
C ASN B 47 6.59 -32.83 7.01
N PRO B 48 5.79 -33.01 8.08
CA PRO B 48 6.20 -32.48 9.40
C PRO B 48 7.38 -33.29 9.99
N GLN B 49 8.41 -32.59 10.47
CA GLN B 49 9.61 -33.22 11.03
C GLN B 49 9.63 -33.13 12.58
N TRP B 50 8.45 -32.83 13.17
CA TRP B 50 8.25 -32.70 14.62
C TRP B 50 7.02 -33.46 15.05
N VAL B 51 6.95 -33.82 16.34
CA VAL B 51 5.80 -34.60 16.83
C VAL B 51 5.38 -34.14 18.24
N SER B 52 4.16 -34.53 18.63
CA SER B 52 3.68 -34.43 20.00
C SER B 52 3.49 -35.89 20.39
N VAL B 53 4.50 -36.46 21.07
CA VAL B 53 4.53 -37.85 21.53
C VAL B 53 3.20 -38.18 22.25
N THR B 54 2.77 -37.27 23.14
CA THR B 54 1.55 -37.25 23.95
C THR B 54 0.30 -37.78 23.21
N TYR B 55 0.18 -37.53 21.90
CA TYR B 55 -0.98 -37.95 21.08
C TYR B 55 -0.54 -38.76 19.84
N GLY B 56 0.78 -38.94 19.70
CA GLY B 56 1.38 -39.62 18.56
C GLY B 56 1.07 -38.91 17.26
N ILE B 57 1.01 -37.55 17.31
CA ILE B 57 0.68 -36.68 16.18
C ILE B 57 1.93 -36.00 15.59
N TRP B 58 1.86 -35.68 14.29
CA TRP B 58 2.95 -35.10 13.50
C TRP B 58 2.67 -33.64 13.15
N ILE B 59 3.56 -32.74 13.58
CA ILE B 59 3.39 -31.29 13.43
C ILE B 59 4.64 -30.61 12.80
N CYS B 60 4.41 -29.54 12.00
CA CYS B 60 5.46 -28.76 11.36
C CYS B 60 6.15 -27.93 12.43
N LEU B 61 7.40 -27.50 12.17
CA LEU B 61 8.26 -26.71 13.07
C LEU B 61 7.52 -25.48 13.69
N GLU B 62 6.72 -24.74 12.89
CA GLU B 62 5.95 -23.59 13.37
C GLU B 62 4.95 -24.01 14.44
N CYS B 63 4.17 -25.07 14.15
CA CYS B 63 3.16 -25.58 15.06
C CYS B 63 3.78 -26.21 16.30
N SER B 64 5.00 -26.77 16.14
CA SER B 64 5.76 -27.36 17.25
C SER B 64 6.07 -26.29 18.31
N GLY B 65 6.27 -25.04 17.86
CA GLY B 65 6.56 -23.91 18.73
C GLY B 65 5.36 -23.55 19.56
N ARG B 66 4.19 -23.47 18.89
CA ARG B 66 2.89 -23.19 19.52
C ARG B 66 2.60 -24.29 20.55
N HIS B 67 2.88 -25.57 20.18
CA HIS B 67 2.70 -26.77 20.98
C HIS B 67 3.59 -26.79 22.23
N ARG B 68 4.87 -26.35 22.12
CA ARG B 68 5.78 -26.27 23.27
C ARG B 68 5.18 -25.35 24.36
N GLY B 69 4.54 -24.27 23.92
CA GLY B 69 3.88 -23.29 24.77
C GLY B 69 2.73 -23.85 25.62
N LEU B 70 2.10 -24.94 25.16
CA LEU B 70 0.98 -25.60 25.85
C LEU B 70 1.37 -26.18 27.21
N GLY B 71 2.61 -26.65 27.33
CA GLY B 71 3.13 -27.26 28.55
C GLY B 71 3.45 -28.72 28.36
N VAL B 72 4.61 -29.17 28.91
CA VAL B 72 5.09 -30.57 28.81
C VAL B 72 4.04 -31.60 29.22
N HIS B 73 3.18 -31.28 30.22
CA HIS B 73 2.11 -32.18 30.67
C HIS B 73 1.02 -32.32 29.61
N LEU B 74 0.72 -31.23 28.88
CA LEU B 74 -0.30 -31.21 27.84
C LEU B 74 0.22 -31.63 26.47
N SER B 75 1.52 -31.37 26.18
CA SER B 75 2.15 -31.73 24.91
C SER B 75 3.65 -31.86 25.06
N PHE B 76 4.17 -33.08 24.79
CA PHE B 76 5.59 -33.41 24.85
C PHE B 76 6.10 -33.43 23.42
N VAL B 77 6.75 -32.32 23.02
CA VAL B 77 7.23 -32.02 21.68
C VAL B 77 8.65 -32.54 21.49
N ARG B 78 8.85 -33.31 20.40
CA ARG B 78 10.14 -33.90 20.02
C ARG B 78 10.38 -33.73 18.51
N SER B 79 11.65 -33.71 18.08
CA SER B 79 12.01 -33.68 16.66
C SER B 79 12.13 -35.13 16.21
N VAL B 80 11.51 -35.48 15.06
CA VAL B 80 11.57 -36.84 14.54
C VAL B 80 13.04 -37.26 14.21
N THR B 81 14.01 -36.32 14.24
CA THR B 81 15.41 -36.63 13.90
C THR B 81 16.47 -36.02 14.82
N MET B 82 16.14 -34.94 15.50
CA MET B 82 17.13 -34.22 16.29
C MET B 82 16.87 -34.26 17.79
N ASP B 83 16.27 -35.35 18.24
CA ASP B 83 15.98 -35.66 19.62
C ASP B 83 16.28 -37.11 19.85
N LYS B 84 16.89 -37.46 21.00
CA LYS B 84 17.12 -38.87 21.36
C LYS B 84 15.76 -39.44 21.80
N TRP B 85 15.56 -40.74 21.64
CA TRP B 85 14.25 -41.30 21.90
C TRP B 85 14.25 -42.49 22.84
N LYS B 86 13.11 -42.74 23.49
CA LYS B 86 12.88 -43.85 24.41
C LYS B 86 11.90 -44.81 23.74
N ASP B 87 11.95 -46.11 24.08
CA ASP B 87 11.07 -47.10 23.47
C ASP B 87 9.60 -46.80 23.72
N ILE B 88 9.29 -46.29 24.93
CA ILE B 88 7.93 -45.93 25.33
C ILE B 88 7.41 -44.79 24.44
N GLU B 89 8.28 -43.79 24.13
CA GLU B 89 7.99 -42.64 23.28
C GLU B 89 7.65 -43.10 21.86
N LEU B 90 8.37 -44.11 21.35
CA LEU B 90 8.10 -44.70 20.03
C LEU B 90 6.84 -45.55 20.07
N GLU B 91 6.57 -46.19 21.23
CA GLU B 91 5.38 -46.99 21.43
C GLU B 91 4.14 -46.09 21.46
N LYS B 92 4.32 -44.85 21.98
CA LYS B 92 3.27 -43.82 22.05
C LYS B 92 2.92 -43.34 20.66
N MET B 93 3.95 -43.20 19.79
CA MET B 93 3.81 -42.78 18.39
C MET B 93 3.02 -43.81 17.58
N LYS B 94 3.27 -45.09 17.88
CA LYS B 94 2.61 -46.24 17.28
C LYS B 94 1.13 -46.26 17.70
N ALA B 95 0.87 -46.07 19.02
CA ALA B 95 -0.48 -46.06 19.62
C ALA B 95 -1.33 -44.86 19.20
N GLY B 96 -0.68 -43.71 19.00
CA GLY B 96 -1.32 -42.47 18.55
C GLY B 96 -1.49 -42.44 17.04
N GLY B 97 -1.60 -41.23 16.50
CA GLY B 97 -1.77 -41.02 15.07
C GLY B 97 -2.58 -39.79 14.73
N ASN B 98 -2.31 -39.18 13.55
CA ASN B 98 -3.00 -37.99 13.07
C ASN B 98 -4.48 -38.27 12.82
N ALA B 99 -4.79 -39.29 12.00
CA ALA B 99 -6.18 -39.67 11.71
C ALA B 99 -6.88 -40.23 12.97
N LYS B 100 -6.15 -40.98 13.81
CA LYS B 100 -6.67 -41.57 15.05
C LYS B 100 -7.16 -40.46 16.00
N PHE B 101 -6.28 -39.47 16.31
CA PHE B 101 -6.62 -38.33 17.18
C PHE B 101 -7.74 -37.49 16.56
N ARG B 102 -7.70 -37.26 15.23
CA ARG B 102 -8.74 -36.50 14.53
C ARG B 102 -10.10 -37.20 14.65
N GLU B 103 -10.16 -38.51 14.28
CA GLU B 103 -11.35 -39.34 14.34
C GLU B 103 -11.87 -39.52 15.77
N PHE B 104 -10.97 -39.56 16.77
CA PHE B 104 -11.38 -39.69 18.17
C PHE B 104 -12.05 -38.42 18.63
N LEU B 105 -11.41 -37.26 18.41
CA LEU B 105 -11.93 -35.94 18.78
C LEU B 105 -13.30 -35.72 18.16
N GLU B 106 -13.47 -36.08 16.87
CA GLU B 106 -14.71 -35.93 16.11
C GLU B 106 -15.86 -36.78 16.66
N SER B 107 -15.52 -37.84 17.41
CA SER B 107 -16.47 -38.74 18.06
C SER B 107 -16.56 -38.41 19.55
N GLN B 108 -16.67 -37.11 19.90
CA GLN B 108 -16.78 -36.67 21.30
C GLN B 108 -17.84 -35.60 21.44
N GLU B 109 -18.51 -35.58 22.62
CA GLU B 109 -19.58 -34.62 22.95
C GLU B 109 -19.02 -33.20 23.07
N ASP B 110 -17.89 -33.05 23.81
CA ASP B 110 -17.22 -31.77 24.07
C ASP B 110 -16.50 -31.16 22.84
N TYR B 111 -16.46 -31.89 21.70
CA TYR B 111 -15.77 -31.45 20.47
C TYR B 111 -16.31 -30.17 19.89
N ASP B 112 -15.38 -29.26 19.56
CA ASP B 112 -15.61 -27.98 18.90
C ASP B 112 -14.60 -27.82 17.74
N PRO B 113 -15.03 -27.79 16.45
CA PRO B 113 -14.06 -27.63 15.35
C PRO B 113 -13.43 -26.22 15.29
N CYS B 114 -14.02 -25.28 16.06
CA CYS B 114 -13.61 -23.87 16.15
C CYS B 114 -12.70 -23.61 17.35
N TRP B 115 -12.27 -24.69 18.01
CA TRP B 115 -11.38 -24.65 19.15
C TRP B 115 -10.08 -23.98 18.79
N SER B 116 -9.57 -23.15 19.72
CA SER B 116 -8.25 -22.57 19.60
C SER B 116 -7.34 -23.70 20.08
N LEU B 117 -6.05 -23.70 19.67
CA LEU B 117 -5.10 -24.71 20.09
C LEU B 117 -5.16 -24.93 21.63
N GLN B 118 -5.16 -23.82 22.41
CA GLN B 118 -5.22 -23.79 23.88
C GLN B 118 -6.40 -24.56 24.47
N GLU B 119 -7.60 -24.38 23.92
CA GLU B 119 -8.79 -25.05 24.43
C GLU B 119 -8.97 -26.43 23.83
N LYS B 120 -8.35 -26.70 22.66
CA LYS B 120 -8.39 -28.02 22.02
C LYS B 120 -7.62 -28.99 22.92
N TYR B 121 -6.51 -28.52 23.48
CA TYR B 121 -5.65 -29.32 24.33
C TYR B 121 -6.05 -29.26 25.81
N ASN B 122 -6.85 -28.27 26.21
CA ASN B 122 -7.36 -28.22 27.59
C ASN B 122 -8.61 -29.11 27.73
N SER B 123 -9.22 -29.49 26.59
CA SER B 123 -10.43 -30.29 26.51
C SER B 123 -10.32 -31.69 27.17
N ARG B 124 -11.49 -32.28 27.50
CA ARG B 124 -11.66 -33.62 28.08
C ARG B 124 -11.35 -34.67 27.02
N ALA B 125 -11.77 -34.41 25.76
CA ALA B 125 -11.52 -35.26 24.59
C ALA B 125 -10.02 -35.45 24.35
N ALA B 126 -9.19 -34.44 24.72
CA ALA B 126 -7.73 -34.48 24.62
C ALA B 126 -7.18 -35.32 25.77
N ALA B 127 -7.69 -35.09 27.01
CA ALA B 127 -7.30 -35.80 28.23
C ALA B 127 -7.51 -37.32 28.09
N LEU B 128 -8.61 -37.70 27.41
CA LEU B 128 -8.97 -39.09 27.18
C LEU B 128 -8.00 -39.76 26.22
N PHE B 129 -7.71 -39.11 25.07
CA PHE B 129 -6.78 -39.66 24.08
C PHE B 129 -5.35 -39.74 24.63
N ARG B 130 -4.94 -38.77 25.50
CA ARG B 130 -3.65 -38.76 26.20
C ARG B 130 -3.48 -40.10 26.92
N ASP B 131 -4.52 -40.47 27.70
CA ASP B 131 -4.63 -41.66 28.52
C ASP B 131 -4.71 -42.94 27.68
N LYS B 132 -5.45 -42.91 26.55
CA LYS B 132 -5.54 -44.06 25.63
C LYS B 132 -4.15 -44.37 25.03
N VAL B 133 -3.42 -43.30 24.65
CA VAL B 133 -2.07 -43.36 24.08
C VAL B 133 -1.12 -43.95 25.12
N VAL B 134 -1.20 -43.46 26.38
CA VAL B 134 -0.39 -43.95 27.50
C VAL B 134 -0.67 -45.45 27.75
N ALA B 135 -1.97 -45.83 27.78
CA ALA B 135 -2.40 -47.20 28.03
C ALA B 135 -1.93 -48.16 26.93
N LEU B 136 -2.25 -47.90 25.65
CA LEU B 136 -1.89 -48.78 24.53
C LEU B 136 -0.37 -48.92 24.33
N ALA B 137 0.42 -47.87 24.65
CA ALA B 137 1.88 -47.88 24.54
C ALA B 137 2.51 -48.81 25.59
N GLU B 138 1.80 -48.95 26.74
CA GLU B 138 2.17 -49.81 27.86
C GLU B 138 1.65 -51.25 27.66
N GLY B 139 0.97 -51.48 26.52
CA GLY B 139 0.41 -52.76 26.17
C GLY B 139 -0.84 -53.10 26.97
N ARG B 140 -1.46 -52.09 27.62
CA ARG B 140 -2.67 -52.25 28.42
C ARG B 140 -3.92 -52.11 27.53
N GLU B 141 -5.03 -52.73 27.94
CA GLU B 141 -6.31 -52.63 27.25
C GLU B 141 -6.97 -51.35 27.78
N TRP B 142 -7.58 -50.53 26.89
CA TRP B 142 -8.16 -49.26 27.34
C TRP B 142 -9.66 -49.23 27.25
N SER B 143 -10.26 -48.69 28.33
CA SER B 143 -11.70 -48.53 28.49
C SER B 143 -12.07 -47.06 28.39
N LEU B 144 -12.96 -46.74 27.41
CA LEU B 144 -13.50 -45.38 27.20
C LEU B 144 -14.33 -44.95 28.42
N GLU B 145 -14.91 -45.95 29.15
CA GLU B 145 -15.72 -45.79 30.36
C GLU B 145 -14.85 -45.44 31.57
N TRP B 152 -12.46 -35.20 34.24
CA TRP B 152 -11.55 -34.11 33.84
C TRP B 152 -12.28 -32.75 33.80
N THR B 153 -11.74 -31.79 34.57
CA THR B 153 -12.26 -30.42 34.61
C THR B 153 -11.34 -29.52 33.78
N PRO B 154 -11.80 -29.05 32.58
CA PRO B 154 -10.93 -28.20 31.74
C PRO B 154 -10.68 -26.81 32.33
N PRO B 155 -9.43 -26.28 32.27
CA PRO B 155 -9.17 -24.93 32.83
C PRO B 155 -9.77 -23.80 31.98
N LYS B 164 -8.27 -7.26 32.10
CA LYS B 164 -9.12 -8.29 31.51
C LYS B 164 -8.98 -8.42 29.96
N GLU B 165 -9.76 -9.36 29.37
CA GLU B 165 -9.83 -9.68 27.94
C GLU B 165 -10.13 -8.45 27.04
N MET B 166 -9.52 -8.47 25.85
CA MET B 166 -9.65 -7.48 24.78
C MET B 166 -9.89 -8.38 23.52
N ARG B 167 -10.93 -9.24 23.60
CA ARG B 167 -11.25 -10.20 22.54
C ARG B 167 -11.95 -9.49 21.39
N ILE B 168 -11.26 -9.34 20.26
CA ILE B 168 -11.79 -8.63 19.10
C ILE B 168 -12.04 -9.57 17.93
N LEU B 169 -13.24 -9.48 17.41
CA LEU B 169 -13.68 -10.18 16.23
C LEU B 169 -13.74 -9.12 15.10
N MET B 170 -12.88 -9.28 14.09
CA MET B 170 -12.78 -8.40 12.94
C MET B 170 -13.29 -9.12 11.67
N VAL B 171 -14.37 -8.60 11.09
CA VAL B 171 -15.05 -9.18 9.91
C VAL B 171 -15.37 -8.09 8.87
N GLY B 172 -15.72 -8.55 7.68
CA GLY B 172 -16.08 -7.72 6.53
C GLY B 172 -16.11 -8.59 5.29
N LEU B 173 -16.40 -8.00 4.12
CA LEU B 173 -16.41 -8.76 2.88
C LEU B 173 -14.97 -9.16 2.50
N ASP B 174 -14.81 -10.08 1.53
CA ASP B 174 -13.48 -10.48 1.05
C ASP B 174 -12.87 -9.22 0.42
N ALA B 175 -11.53 -9.08 0.49
CA ALA B 175 -10.74 -7.96 -0.05
C ALA B 175 -11.00 -6.59 0.64
N ALA B 176 -11.60 -6.60 1.85
CA ALA B 176 -11.90 -5.40 2.64
C ALA B 176 -10.59 -4.83 3.24
N GLY B 177 -9.61 -5.70 3.51
CA GLY B 177 -8.33 -5.24 4.02
C GLY B 177 -7.86 -5.92 5.28
N LYS B 178 -8.72 -6.76 5.87
CA LYS B 178 -8.56 -7.49 7.12
C LYS B 178 -7.15 -8.06 7.36
N THR B 179 -6.64 -8.84 6.40
CA THR B 179 -5.31 -9.46 6.45
C THR B 179 -4.22 -8.39 6.44
N THR B 180 -4.43 -7.28 5.66
CA THR B 180 -3.46 -6.21 5.58
C THR B 180 -3.31 -5.60 6.97
N ILE B 181 -4.46 -5.33 7.64
CA ILE B 181 -4.56 -4.79 8.99
C ILE B 181 -3.91 -5.73 9.99
N LEU B 182 -4.28 -7.02 9.92
CA LEU B 182 -3.76 -8.03 10.84
C LEU B 182 -2.21 -8.08 10.78
N TYR B 183 -1.65 -8.21 9.59
CA TYR B 183 -0.20 -8.25 9.41
C TYR B 183 0.48 -6.97 9.91
N LYS B 184 -0.08 -5.78 9.58
CA LYS B 184 0.47 -4.48 9.94
C LYS B 184 0.60 -4.27 11.45
N LEU B 185 -0.32 -4.89 12.24
CA LEU B 185 -0.35 -4.77 13.70
C LEU B 185 0.94 -5.25 14.33
N LYS B 186 1.58 -6.26 13.71
CA LYS B 186 2.85 -6.89 14.12
C LYS B 186 2.76 -7.32 15.59
N LEU B 187 1.59 -7.88 15.94
CA LEU B 187 1.17 -8.28 17.28
C LEU B 187 1.76 -9.64 17.65
N GLY B 188 1.81 -10.51 16.67
CA GLY B 188 2.28 -11.89 16.80
C GLY B 188 2.12 -12.68 15.52
N GLU B 189 2.20 -14.01 15.65
CA GLU B 189 2.12 -14.96 14.53
C GLU B 189 0.66 -15.09 14.10
N ILE B 190 0.41 -14.99 12.77
CA ILE B 190 -0.95 -15.14 12.26
C ILE B 190 -1.20 -16.63 12.07
N VAL B 191 -2.19 -17.17 12.81
CA VAL B 191 -2.51 -18.58 12.79
C VAL B 191 -3.80 -18.84 12.02
N THR B 192 -3.63 -19.51 10.88
CA THR B 192 -4.73 -19.89 10.00
C THR B 192 -5.30 -21.23 10.46
N THR B 193 -6.63 -21.29 10.55
CA THR B 193 -7.43 -22.45 10.94
C THR B 193 -8.60 -22.58 9.98
N ILE B 194 -8.95 -23.82 9.65
CA ILE B 194 -10.06 -24.14 8.76
C ILE B 194 -10.97 -25.08 9.57
N PRO B 195 -11.95 -24.49 10.31
CA PRO B 195 -12.87 -25.33 11.11
C PRO B 195 -13.79 -26.18 10.23
N THR B 196 -14.01 -25.72 8.98
CA THR B 196 -14.75 -26.40 7.91
C THR B 196 -14.31 -25.84 6.55
N ILE B 197 -14.38 -26.69 5.53
CA ILE B 197 -14.00 -26.42 4.14
C ILE B 197 -14.65 -25.11 3.66
N GLY B 198 -13.81 -24.22 3.12
CA GLY B 198 -14.21 -22.89 2.66
C GLY B 198 -14.16 -21.80 3.71
N PHE B 199 -14.38 -22.16 5.00
CA PHE B 199 -14.33 -21.26 6.14
C PHE B 199 -12.88 -21.14 6.66
N ASN B 200 -12.29 -19.95 6.46
CA ASN B 200 -10.89 -19.66 6.77
C ASN B 200 -10.74 -18.62 7.90
N VAL B 201 -10.15 -19.04 9.03
CA VAL B 201 -9.98 -18.18 10.21
C VAL B 201 -8.50 -17.85 10.50
N GLU B 202 -8.22 -16.55 10.66
CA GLU B 202 -6.91 -16.05 11.03
C GLU B 202 -7.05 -15.59 12.44
N THR B 203 -6.04 -15.87 13.27
CA THR B 203 -6.05 -15.47 14.67
C THR B 203 -4.64 -15.06 15.17
N VAL B 204 -4.58 -14.01 16.02
CA VAL B 204 -3.36 -13.44 16.61
C VAL B 204 -3.63 -13.17 18.08
N GLU B 205 -2.63 -13.44 18.91
CA GLU B 205 -2.72 -13.22 20.35
C GLU B 205 -1.45 -12.59 20.91
N TYR B 206 -1.63 -11.59 21.77
CA TYR B 206 -0.54 -10.96 22.52
C TYR B 206 -1.10 -10.55 23.86
N LYS B 207 -0.60 -11.20 24.94
CA LYS B 207 -1.08 -11.01 26.31
C LYS B 207 -2.62 -11.13 26.32
N ASN B 208 -3.33 -10.06 26.71
CA ASN B 208 -4.80 -10.03 26.75
C ASN B 208 -5.45 -9.55 25.41
N ILE B 209 -4.63 -9.21 24.38
CA ILE B 209 -5.16 -8.77 23.08
C ILE B 209 -5.33 -9.96 22.11
N SER B 210 -6.59 -10.25 21.68
CA SER B 210 -6.89 -11.40 20.82
C SER B 210 -7.69 -11.02 19.60
N PHE B 211 -7.11 -11.20 18.41
CA PHE B 211 -7.78 -10.89 17.16
C PHE B 211 -8.21 -12.15 16.45
N THR B 212 -9.49 -12.20 16.01
CA THR B 212 -10.10 -13.27 15.23
C THR B 212 -10.66 -12.64 13.93
N VAL B 213 -10.21 -13.13 12.77
CA VAL B 213 -10.60 -12.59 11.47
C VAL B 213 -11.14 -13.64 10.48
N TRP B 214 -12.20 -13.27 9.71
CA TRP B 214 -12.76 -14.10 8.64
C TRP B 214 -13.63 -13.26 7.70
N ASP B 215 -13.84 -13.74 6.48
CA ASP B 215 -14.67 -13.06 5.48
C ASP B 215 -16.16 -13.37 5.68
N VAL B 216 -17.03 -12.43 5.33
CA VAL B 216 -18.50 -12.55 5.40
C VAL B 216 -19.06 -12.20 3.99
N GLY B 217 -20.34 -12.53 3.75
CA GLY B 217 -21.00 -12.24 2.48
C GLY B 217 -21.68 -13.45 1.87
N ARG B 223 -21.75 -20.61 8.81
CA ARG B 223 -22.54 -19.61 9.53
C ARG B 223 -22.87 -20.00 11.01
N PRO B 224 -23.27 -21.25 11.37
CA PRO B 224 -23.53 -21.53 12.80
C PRO B 224 -22.24 -21.80 13.61
N LEU B 225 -21.09 -21.94 12.91
CA LEU B 225 -19.78 -22.17 13.54
C LEU B 225 -19.21 -20.88 14.09
N TRP B 226 -19.66 -19.75 13.55
CA TRP B 226 -19.31 -18.38 13.90
C TRP B 226 -19.70 -18.07 15.34
N ARG B 227 -20.80 -18.68 15.77
CA ARG B 227 -21.40 -18.49 17.08
C ARG B 227 -20.47 -18.92 18.22
N HIS B 228 -19.55 -19.88 17.95
CA HIS B 228 -18.56 -20.35 18.93
C HIS B 228 -17.61 -19.20 19.28
N TYR B 229 -17.18 -18.43 18.26
CA TYR B 229 -16.27 -17.29 18.38
C TYR B 229 -16.92 -16.09 19.06
N PHE B 230 -18.25 -15.93 18.91
CA PHE B 230 -19.01 -14.82 19.48
C PHE B 230 -19.02 -14.79 21.00
N GLN B 231 -18.94 -15.98 21.65
CA GLN B 231 -18.96 -16.17 23.11
C GLN B 231 -18.05 -15.20 23.88
N ASN B 232 -16.78 -15.06 23.47
CA ASN B 232 -15.87 -14.18 24.18
C ASN B 232 -15.75 -12.75 23.57
N THR B 233 -16.37 -12.51 22.39
CA THR B 233 -16.28 -11.24 21.64
C THR B 233 -16.77 -10.00 22.41
N GLN B 234 -15.81 -9.09 22.65
CA GLN B 234 -15.99 -7.82 23.37
C GLN B 234 -16.09 -6.65 22.38
N GLY B 235 -15.24 -6.68 21.36
CA GLY B 235 -15.18 -5.67 20.30
C GLY B 235 -15.46 -6.26 18.93
N LEU B 236 -16.30 -5.58 18.15
CA LEU B 236 -16.59 -6.03 16.80
C LEU B 236 -15.96 -5.03 15.81
N ILE B 237 -15.05 -5.51 14.96
CA ILE B 237 -14.49 -4.62 13.96
C ILE B 237 -15.03 -4.98 12.59
N PHE B 238 -15.69 -3.99 11.95
CA PHE B 238 -16.22 -4.21 10.61
C PHE B 238 -15.37 -3.43 9.63
N VAL B 239 -14.70 -4.17 8.74
CA VAL B 239 -13.83 -3.55 7.74
C VAL B 239 -14.59 -3.45 6.41
N VAL B 240 -14.69 -2.23 5.86
CA VAL B 240 -15.36 -1.91 4.60
C VAL B 240 -14.34 -1.32 3.63
N ASP B 241 -14.37 -1.76 2.36
CA ASP B 241 -13.58 -1.20 1.26
C ASP B 241 -14.35 0.06 0.84
N SER B 242 -13.86 1.24 1.25
CA SER B 242 -14.47 2.55 0.96
C SER B 242 -14.58 2.86 -0.55
N ASN B 243 -13.79 2.18 -1.37
CA ASN B 243 -13.75 2.38 -2.81
C ASN B 243 -14.70 1.43 -3.57
N ASP B 244 -15.13 0.34 -2.94
CA ASP B 244 -16.05 -0.61 -3.56
C ASP B 244 -17.49 -0.11 -3.38
N ARG B 245 -17.91 0.75 -4.31
CA ARG B 245 -19.24 1.38 -4.36
C ARG B 245 -20.33 0.38 -4.70
N GLU B 246 -19.96 -0.67 -5.48
CA GLU B 246 -20.88 -1.74 -5.90
C GLU B 246 -21.35 -2.60 -4.71
N ARG B 247 -20.41 -3.07 -3.88
CA ARG B 247 -20.72 -3.97 -2.76
C ARG B 247 -20.97 -3.28 -1.41
N VAL B 248 -21.08 -1.93 -1.37
CA VAL B 248 -21.33 -1.21 -0.11
C VAL B 248 -22.66 -1.68 0.58
N ASN B 249 -23.75 -1.92 -0.19
CA ASN B 249 -25.03 -2.40 0.34
C ASN B 249 -24.93 -3.84 0.88
N GLU B 250 -24.09 -4.69 0.22
CA GLU B 250 -23.84 -6.06 0.67
C GLU B 250 -23.20 -6.01 2.08
N ALA B 251 -22.18 -5.13 2.25
CA ALA B 251 -21.47 -4.92 3.52
C ALA B 251 -22.44 -4.46 4.63
N ARG B 252 -23.36 -3.51 4.28
CA ARG B 252 -24.42 -2.98 5.16
C ARG B 252 -25.30 -4.15 5.65
N GLU B 253 -25.70 -5.05 4.72
CA GLU B 253 -26.54 -6.21 5.01
C GLU B 253 -25.84 -7.16 6.00
N GLU B 254 -24.53 -7.38 5.78
CA GLU B 254 -23.71 -8.27 6.60
C GLU B 254 -23.45 -7.71 7.99
N LEU B 255 -23.23 -6.40 8.11
CA LEU B 255 -23.02 -5.73 9.40
C LEU B 255 -24.31 -5.83 10.24
N MET B 256 -25.48 -5.55 9.62
CA MET B 256 -26.78 -5.64 10.28
C MET B 256 -27.08 -7.09 10.70
N ARG B 257 -26.74 -8.07 9.84
CA ARG B 257 -26.86 -9.50 10.12
C ARG B 257 -26.06 -9.83 11.40
N MET B 258 -24.84 -9.28 11.51
CA MET B 258 -23.94 -9.43 12.65
C MET B 258 -24.54 -8.80 13.90
N LEU B 259 -24.96 -7.51 13.82
CA LEU B 259 -25.52 -6.76 14.95
C LEU B 259 -26.81 -7.39 15.50
N ALA B 260 -27.51 -8.17 14.64
CA ALA B 260 -28.72 -8.93 15.00
C ALA B 260 -28.38 -10.15 15.90
N GLU B 261 -27.09 -10.56 15.97
CA GLU B 261 -26.62 -11.69 16.78
C GLU B 261 -26.75 -11.44 18.27
N ASP B 262 -27.35 -12.41 18.96
CA ASP B 262 -27.62 -12.42 20.40
C ASP B 262 -26.36 -12.35 21.25
N GLU B 263 -25.29 -13.10 20.88
CA GLU B 263 -24.05 -13.12 21.66
C GLU B 263 -23.17 -11.86 21.41
N LEU B 264 -23.53 -11.05 20.37
CA LEU B 264 -22.80 -9.84 20.02
C LEU B 264 -23.48 -8.58 20.60
N ARG B 265 -24.63 -8.78 21.30
CA ARG B 265 -25.50 -7.80 21.96
C ARG B 265 -24.76 -6.66 22.67
N ASP B 266 -23.70 -6.98 23.43
CA ASP B 266 -22.93 -6.01 24.23
C ASP B 266 -21.57 -5.68 23.64
N ALA B 267 -21.29 -6.12 22.40
CA ALA B 267 -20.02 -5.84 21.75
C ALA B 267 -20.01 -4.40 21.23
N VAL B 268 -18.88 -3.69 21.43
CA VAL B 268 -18.67 -2.32 20.95
C VAL B 268 -18.29 -2.46 19.47
N LEU B 269 -18.87 -1.65 18.61
CA LEU B 269 -18.56 -1.73 17.19
C LEU B 269 -17.62 -0.61 16.72
N LEU B 270 -16.54 -1.02 16.04
CA LEU B 270 -15.59 -0.12 15.39
C LEU B 270 -15.64 -0.45 13.90
N VAL B 271 -15.95 0.55 13.09
CA VAL B 271 -15.99 0.38 11.65
C VAL B 271 -14.71 0.99 11.12
N PHE B 272 -13.96 0.22 10.33
CA PHE B 272 -12.76 0.71 9.68
C PHE B 272 -13.13 0.99 8.23
N ALA B 273 -13.24 2.25 7.83
CA ALA B 273 -13.54 2.57 6.42
C ALA B 273 -12.18 2.55 5.72
N ASN B 274 -11.80 1.37 5.24
CA ASN B 274 -10.49 1.14 4.66
C ASN B 274 -10.35 1.61 3.22
N LYS B 275 -9.09 1.64 2.72
CA LYS B 275 -8.67 2.02 1.37
C LYS B 275 -9.02 3.48 1.11
N GLN B 276 -8.85 4.30 2.16
CA GLN B 276 -9.14 5.74 2.09
C GLN B 276 -8.03 6.48 1.32
N ASP B 277 -6.93 5.78 0.99
CA ASP B 277 -5.80 6.28 0.21
C ASP B 277 -6.18 6.40 -1.26
N LEU B 278 -7.11 5.53 -1.72
CA LEU B 278 -7.59 5.48 -3.10
C LEU B 278 -8.28 6.78 -3.53
N PRO B 279 -8.12 7.20 -4.81
CA PRO B 279 -8.64 8.51 -5.22
C PRO B 279 -10.15 8.64 -5.20
N ASN B 280 -10.85 7.66 -5.79
CA ASN B 280 -12.32 7.72 -5.91
C ASN B 280 -13.06 7.03 -4.75
N ALA B 281 -12.36 6.87 -3.59
CA ALA B 281 -12.90 6.27 -2.38
C ALA B 281 -13.96 7.14 -1.75
N MET B 282 -14.98 6.54 -1.12
CA MET B 282 -16.03 7.30 -0.44
C MET B 282 -15.45 7.79 0.86
N ASN B 283 -15.84 8.98 1.29
CA ASN B 283 -15.38 9.55 2.57
C ASN B 283 -16.12 8.87 3.74
N ALA B 284 -15.58 9.00 4.97
CA ALA B 284 -16.17 8.38 6.18
C ALA B 284 -17.63 8.82 6.41
N ALA B 285 -17.96 10.10 6.10
CA ALA B 285 -19.32 10.64 6.23
C ALA B 285 -20.30 9.95 5.26
N GLU B 286 -19.80 9.59 4.04
CA GLU B 286 -20.57 8.90 3.01
C GLU B 286 -20.86 7.45 3.44
N ILE B 287 -19.83 6.74 3.96
CA ILE B 287 -19.90 5.35 4.41
C ILE B 287 -20.79 5.26 5.65
N THR B 288 -20.71 6.24 6.57
CA THR B 288 -21.57 6.24 7.77
C THR B 288 -23.02 6.22 7.35
N ASP B 289 -23.36 6.96 6.28
CA ASP B 289 -24.71 7.03 5.75
C ASP B 289 -25.09 5.70 5.08
N LYS B 290 -24.31 5.27 4.06
CA LYS B 290 -24.53 4.03 3.30
C LYS B 290 -24.57 2.76 4.17
N LEU B 291 -23.97 2.79 5.39
CA LEU B 291 -24.02 1.65 6.32
C LEU B 291 -25.20 1.78 7.27
N GLY B 292 -25.74 3.00 7.38
CA GLY B 292 -26.84 3.32 8.28
C GLY B 292 -26.43 3.23 9.74
N LEU B 293 -25.28 3.81 10.08
CA LEU B 293 -24.77 3.76 11.45
C LEU B 293 -25.51 4.70 12.41
N HIS B 294 -26.13 5.79 11.90
CA HIS B 294 -26.85 6.73 12.77
C HIS B 294 -28.21 6.20 13.18
N SER B 295 -28.71 5.17 12.47
CA SER B 295 -29.98 4.51 12.79
C SER B 295 -29.79 3.53 13.97
N LEU B 296 -28.54 3.25 14.37
CA LEU B 296 -28.26 2.33 15.46
C LEU B 296 -28.44 2.97 16.81
N ARG B 297 -29.31 2.35 17.60
CA ARG B 297 -29.63 2.74 18.97
C ARG B 297 -29.22 1.58 19.89
N HIS B 298 -28.67 1.95 21.08
CA HIS B 298 -28.18 1.04 22.13
C HIS B 298 -27.00 0.21 21.60
N ARG B 299 -25.91 0.92 21.25
CA ARG B 299 -24.62 0.38 20.79
C ARG B 299 -23.58 1.47 20.57
N ASN B 300 -22.46 1.37 21.30
CA ASN B 300 -21.32 2.29 21.13
C ASN B 300 -20.66 1.95 19.80
N TRP B 301 -20.71 2.89 18.86
CA TRP B 301 -20.09 2.68 17.57
C TRP B 301 -19.20 3.86 17.20
N TYR B 302 -18.24 3.62 16.32
CA TYR B 302 -17.31 4.64 15.85
C TYR B 302 -16.83 4.25 14.48
N ILE B 303 -16.80 5.22 13.57
CA ILE B 303 -16.26 4.99 12.24
C ILE B 303 -14.86 5.64 12.21
N GLN B 304 -13.87 4.89 11.77
CA GLN B 304 -12.52 5.42 11.69
C GLN B 304 -11.97 5.23 10.27
N ALA B 305 -11.66 6.35 9.57
CA ALA B 305 -11.11 6.35 8.20
C ALA B 305 -9.71 5.78 8.26
N THR B 306 -9.42 4.76 7.44
CA THR B 306 -8.11 4.10 7.48
C THR B 306 -7.49 3.78 6.13
N CYS B 307 -6.23 3.39 6.24
CA CYS B 307 -5.39 2.91 5.16
C CYS B 307 -4.51 1.85 5.79
N ALA B 308 -4.90 0.59 5.59
CA ALA B 308 -4.19 -0.55 6.13
C ALA B 308 -2.76 -0.67 5.63
N THR B 309 -2.48 -0.21 4.40
CA THR B 309 -1.16 -0.33 3.76
C THR B 309 -0.19 0.64 4.37
N SER B 310 -0.63 1.84 4.71
CA SER B 310 0.26 2.82 5.34
C SER B 310 0.19 2.66 6.87
N GLY B 311 -0.91 2.09 7.36
CA GLY B 311 -1.18 1.91 8.77
C GLY B 311 -1.94 3.08 9.36
N ASP B 312 -2.21 4.13 8.53
CA ASP B 312 -2.93 5.32 8.99
C ASP B 312 -4.33 5.01 9.47
N GLY B 313 -4.67 5.61 10.61
CA GLY B 313 -5.98 5.49 11.24
C GLY B 313 -6.29 4.22 12.00
N LEU B 314 -5.40 3.21 11.94
CA LEU B 314 -5.63 1.91 12.61
C LEU B 314 -5.49 2.02 14.11
N TYR B 315 -4.37 2.56 14.58
CA TYR B 315 -4.12 2.71 16.02
C TYR B 315 -5.12 3.69 16.67
N GLU B 316 -5.50 4.76 15.94
CA GLU B 316 -6.47 5.76 16.37
C GLU B 316 -7.86 5.09 16.59
N GLY B 317 -8.27 4.25 15.64
CA GLY B 317 -9.51 3.49 15.72
C GLY B 317 -9.49 2.47 16.85
N LEU B 318 -8.33 1.83 17.07
CA LEU B 318 -8.14 0.84 18.13
C LEU B 318 -8.11 1.44 19.51
N ASP B 319 -7.52 2.65 19.65
CA ASP B 319 -7.44 3.37 20.92
C ASP B 319 -8.84 3.66 21.42
N TRP B 320 -9.73 4.04 20.50
CA TRP B 320 -11.11 4.32 20.83
C TRP B 320 -11.76 3.08 21.43
N LEU B 321 -11.60 1.92 20.75
CA LEU B 321 -12.14 0.63 21.19
C LEU B 321 -11.59 0.23 22.55
N SER B 322 -10.24 0.23 22.69
CA SER B 322 -9.50 -0.08 23.90
C SER B 322 -10.01 0.77 25.07
N ASN B 323 -10.27 2.08 24.81
CA ASN B 323 -10.78 2.99 25.83
C ASN B 323 -12.24 2.68 26.20
N GLN B 324 -13.08 2.33 25.22
CA GLN B 324 -14.47 1.96 25.45
C GLN B 324 -14.52 0.65 26.24
N LEU B 325 -13.63 -0.30 25.90
CA LEU B 325 -13.55 -1.59 26.59
C LEU B 325 -13.06 -1.43 28.03
N ARG B 326 -12.28 -0.37 28.34
CA ARG B 326 -11.80 -0.07 29.70
C ARG B 326 -12.99 0.34 30.57
#